data_1JL5
#
_entry.id   1JL5
#
_cell.length_a   149.430
_cell.length_b   149.430
_cell.length_c   191.180
_cell.angle_alpha   90.00
_cell.angle_beta   90.00
_cell.angle_gamma   90.00
#
_symmetry.space_group_name_H-M   'I 41 2 2'
#
loop_
_entity.id
_entity.type
_entity.pdbx_description
1 polymer 'outer protein YopM'
2 non-polymer 'CALCIUM ION'
3 water water
#
_entity_poly.entity_id   1
_entity_poly.type   'polypeptide(L)'
_entity_poly.pdbx_seq_one_letter_code
;MFINPRNVSNTFLQEPLRHSSNLTEMPVEAENVKSKTEYYNAWSEWERNAPPGNGEQREMAVSRLRDCLDRQAHELELNN
LGLSSLPELPPHLESLVASCNSLTELPELPQSLKSLLVDNNNLKALSDLPPLLEYLGVSNNQLEKLPELQNSSFLKIIDV
DNNSLKKLPDLPPSLEFIAAGNNQLEELPELQNLPFLTAIYADNNSLKKLPDLPLSLESIVAGNNILEELPELQNLPFLT
TIYADNNLLKTLPDLPPSLEALNVRDNYLTDLPELPQSLTFLDVSENIFSGLSELPPNLYYLNASSNEIRSLCDLPPSLE
ELNVSNNKLIELPALPPRLERLIASFNHLAEVPELPQNLKQLHVEYNPLREFPDIPESVEDLRMNSHLAEVPELPQNLKQ
LHVETNPLREFPDIPESVEDLRMNSERVVDPYEFAHETTDKLEDDVFEHHHHHH
;
_entity_poly.pdbx_strand_id   A
#
# COMPACT_ATOMS: atom_id res chain seq x y z
N LYS A 34 -26.42 29.62 -9.62
CA LYS A 34 -26.18 29.76 -11.08
C LYS A 34 -27.10 28.89 -11.91
N SER A 35 -27.50 29.38 -13.07
CA SER A 35 -28.37 28.64 -13.96
C SER A 35 -27.51 27.66 -14.74
N LYS A 36 -28.13 26.66 -15.34
CA LYS A 36 -27.36 25.71 -16.13
C LYS A 36 -26.57 26.46 -17.18
N THR A 37 -27.23 27.43 -17.81
CA THR A 37 -26.60 28.22 -18.84
C THR A 37 -25.33 28.87 -18.36
N GLU A 38 -25.36 29.41 -17.15
CA GLU A 38 -24.17 30.03 -16.60
C GLU A 38 -23.09 28.97 -16.45
N TYR A 39 -23.46 27.78 -15.99
CA TYR A 39 -22.48 26.72 -15.85
C TYR A 39 -21.99 26.30 -17.22
N TYR A 40 -22.93 26.05 -18.12
CA TYR A 40 -22.58 25.65 -19.47
C TYR A 40 -21.60 26.62 -20.09
N ASN A 41 -21.94 27.90 -19.99
CA ASN A 41 -21.11 28.94 -20.56
C ASN A 41 -19.80 29.06 -19.83
N ALA A 42 -19.85 28.92 -18.52
CA ALA A 42 -18.62 29.00 -17.74
C ALA A 42 -17.75 27.84 -18.22
N TRP A 43 -18.39 26.69 -18.41
CA TRP A 43 -17.68 25.50 -18.85
C TRP A 43 -17.18 25.59 -20.28
N SER A 44 -18.00 26.16 -21.16
CA SER A 44 -17.60 26.31 -22.54
C SER A 44 -16.46 27.31 -22.62
N GLU A 45 -16.49 28.31 -21.75
CA GLU A 45 -15.44 29.31 -21.72
C GLU A 45 -14.16 28.61 -21.28
N TRP A 46 -14.30 27.81 -20.23
CA TRP A 46 -13.18 27.05 -19.70
C TRP A 46 -12.69 26.14 -20.81
N GLU A 47 -13.61 25.49 -21.49
CA GLU A 47 -13.24 24.60 -22.57
C GLU A 47 -12.43 25.34 -23.62
N ARG A 48 -12.91 26.52 -24.03
CA ARG A 48 -12.22 27.32 -25.04
C ARG A 48 -10.85 27.74 -24.57
N ASN A 49 -10.68 27.85 -23.26
CA ASN A 49 -9.40 28.26 -22.70
C ASN A 49 -8.43 27.12 -22.60
N ALA A 50 -8.84 25.96 -23.10
CA ALA A 50 -7.97 24.80 -23.07
C ALA A 50 -6.67 25.19 -23.75
N PRO A 51 -5.54 25.09 -23.04
CA PRO A 51 -4.27 25.45 -23.67
C PRO A 51 -4.18 24.68 -24.98
N PRO A 52 -4.05 25.40 -26.10
CA PRO A 52 -3.97 24.72 -27.39
C PRO A 52 -2.84 23.70 -27.46
N GLY A 53 -3.15 22.53 -27.99
CA GLY A 53 -2.15 21.48 -28.12
C GLY A 53 -1.85 20.67 -26.87
N ASN A 54 -2.37 21.09 -25.72
CA ASN A 54 -2.09 20.35 -24.50
C ASN A 54 -2.95 19.12 -24.30
N GLY A 55 -3.60 18.68 -25.37
CA GLY A 55 -4.42 17.48 -25.30
C GLY A 55 -5.47 17.47 -24.22
N GLU A 56 -5.76 18.63 -23.64
CA GLU A 56 -6.78 18.68 -22.60
C GLU A 56 -8.11 18.34 -23.25
N GLN A 57 -8.83 17.41 -22.65
CA GLN A 57 -10.10 17.00 -23.18
C GLN A 57 -11.21 17.72 -22.46
N ARG A 58 -11.19 19.04 -22.58
CA ARG A 58 -12.18 19.86 -21.91
C ARG A 58 -13.56 19.64 -22.51
N GLU A 59 -13.62 19.31 -23.79
CA GLU A 59 -14.91 19.07 -24.40
C GLU A 59 -15.59 17.92 -23.67
N MET A 60 -14.84 16.84 -23.47
CA MET A 60 -15.38 15.69 -22.76
C MET A 60 -15.69 16.12 -21.34
N ALA A 61 -14.79 16.88 -20.75
CA ALA A 61 -14.99 17.36 -19.39
C ALA A 61 -16.28 18.16 -19.33
N VAL A 62 -16.43 19.13 -20.23
CA VAL A 62 -17.63 19.94 -20.26
C VAL A 62 -18.83 19.03 -20.41
N SER A 63 -18.70 18.04 -21.28
CA SER A 63 -19.77 17.09 -21.50
C SER A 63 -20.10 16.40 -20.17
N ARG A 64 -19.06 16.02 -19.43
CA ARG A 64 -19.24 15.36 -18.14
C ARG A 64 -19.87 16.36 -17.19
N LEU A 65 -19.33 17.57 -17.20
CA LEU A 65 -19.82 18.63 -16.33
C LEU A 65 -21.30 18.87 -16.56
N ARG A 66 -21.66 19.04 -17.83
CA ARG A 66 -23.04 19.29 -18.20
C ARG A 66 -23.92 18.13 -17.78
N ASP A 67 -23.52 16.92 -18.14
CA ASP A 67 -24.29 15.75 -17.79
C ASP A 67 -24.48 15.71 -16.28
N CYS A 68 -23.39 15.98 -15.57
CA CYS A 68 -23.43 15.97 -14.12
C CYS A 68 -24.43 17.01 -13.64
N LEU A 69 -24.31 18.22 -14.17
CA LEU A 69 -25.20 19.30 -13.82
C LEU A 69 -26.65 18.93 -14.14
N ASP A 70 -26.88 18.51 -15.37
CA ASP A 70 -28.21 18.14 -15.83
C ASP A 70 -28.81 16.99 -15.04
N ARG A 71 -28.03 15.92 -14.87
CA ARG A 71 -28.49 14.76 -14.13
C ARG A 71 -28.52 15.10 -12.65
N GLN A 72 -27.92 16.24 -12.28
CA GLN A 72 -27.87 16.63 -10.88
C GLN A 72 -27.13 15.50 -10.17
N ALA A 73 -26.27 14.82 -10.93
CA ALA A 73 -25.50 13.69 -10.43
C ALA A 73 -24.63 14.04 -9.24
N HIS A 74 -24.49 13.07 -8.34
CA HIS A 74 -23.68 13.23 -7.14
C HIS A 74 -22.22 13.33 -7.50
N GLU A 75 -21.81 12.54 -8.49
CA GLU A 75 -20.43 12.52 -8.89
C GLU A 75 -20.13 13.08 -10.27
N LEU A 76 -18.95 13.68 -10.37
CA LEU A 76 -18.46 14.23 -11.60
C LEU A 76 -17.13 13.52 -11.80
N GLU A 77 -17.00 12.80 -12.90
CA GLU A 77 -15.77 12.07 -13.16
C GLU A 77 -15.09 12.61 -14.40
N LEU A 78 -13.96 13.26 -14.19
CA LEU A 78 -13.17 13.85 -15.26
C LEU A 78 -11.79 13.23 -15.28
N ASN A 79 -11.73 11.92 -15.10
CA ASN A 79 -10.44 11.25 -15.08
C ASN A 79 -9.70 11.24 -16.40
N ASN A 80 -8.39 11.41 -16.29
CA ASN A 80 -7.52 11.38 -17.44
C ASN A 80 -7.98 12.21 -18.62
N LEU A 81 -8.37 13.45 -18.36
CA LEU A 81 -8.82 14.33 -19.42
C LEU A 81 -7.77 15.39 -19.68
N GLY A 82 -6.60 15.20 -19.06
CA GLY A 82 -5.51 16.14 -19.23
C GLY A 82 -5.85 17.55 -18.85
N LEU A 83 -6.85 17.70 -18.00
CA LEU A 83 -7.29 19.03 -17.56
C LEU A 83 -6.25 19.73 -16.70
N SER A 84 -5.80 20.90 -17.13
CA SER A 84 -4.82 21.65 -16.37
C SER A 84 -5.57 22.48 -15.33
N SER A 85 -6.90 22.43 -15.42
CA SER A 85 -7.72 23.13 -14.46
C SER A 85 -9.14 22.63 -14.62
N LEU A 86 -9.96 22.90 -13.61
CA LEU A 86 -11.35 22.52 -13.66
C LEU A 86 -12.12 23.81 -13.55
N PRO A 87 -13.23 23.90 -14.27
CA PRO A 87 -14.01 25.13 -14.18
C PRO A 87 -14.84 24.96 -12.93
N GLU A 88 -15.73 25.91 -12.66
CA GLU A 88 -16.58 25.82 -11.49
C GLU A 88 -17.28 24.47 -11.58
N LEU A 89 -17.39 23.78 -10.45
CA LEU A 89 -18.00 22.47 -10.42
C LEU A 89 -19.51 22.53 -10.28
N PRO A 90 -20.22 21.47 -10.72
CA PRO A 90 -21.67 21.50 -10.57
C PRO A 90 -21.89 21.85 -9.10
N PRO A 91 -22.87 22.71 -8.80
CA PRO A 91 -23.22 23.17 -7.46
C PRO A 91 -23.36 22.16 -6.32
N HIS A 92 -24.00 21.04 -6.56
CA HIS A 92 -24.20 20.09 -5.47
C HIS A 92 -23.43 18.80 -5.64
N LEU A 93 -22.26 18.93 -6.26
CA LEU A 93 -21.41 17.78 -6.48
C LEU A 93 -21.03 17.21 -5.13
N GLU A 94 -21.18 15.90 -4.99
CA GLU A 94 -20.82 15.25 -3.75
C GLU A 94 -19.51 14.52 -3.94
N SER A 95 -19.26 14.12 -5.19
CA SER A 95 -18.03 13.42 -5.51
C SER A 95 -17.35 13.98 -6.74
N LEU A 96 -16.14 14.49 -6.54
CA LEU A 96 -15.36 15.02 -7.65
C LEU A 96 -14.25 14.03 -7.94
N VAL A 97 -14.33 13.40 -9.10
CA VAL A 97 -13.31 12.46 -9.51
C VAL A 97 -12.63 13.10 -10.72
N ALA A 98 -11.47 13.68 -10.49
CA ALA A 98 -10.72 14.33 -11.56
C ALA A 98 -9.31 13.79 -11.52
N SER A 99 -9.21 12.48 -11.36
CA SER A 99 -7.92 11.82 -11.30
C SER A 99 -7.22 11.92 -12.65
N CYS A 100 -5.91 11.83 -12.61
CA CYS A 100 -5.10 11.85 -13.81
C CYS A 100 -5.35 13.02 -14.75
N ASN A 101 -5.08 14.21 -14.26
CA ASN A 101 -5.22 15.41 -15.06
C ASN A 101 -3.97 16.18 -14.72
N SER A 102 -3.92 17.46 -15.09
CA SER A 102 -2.76 18.28 -14.79
C SER A 102 -3.19 19.41 -13.90
N LEU A 103 -4.18 19.13 -13.06
CA LEU A 103 -4.68 20.13 -12.15
C LEU A 103 -3.59 20.62 -11.22
N THR A 104 -3.37 21.92 -11.20
CA THR A 104 -2.36 22.50 -10.33
C THR A 104 -3.14 23.20 -9.24
N GLU A 105 -4.43 23.36 -9.51
CA GLU A 105 -5.33 24.04 -8.60
C GLU A 105 -6.68 23.36 -8.72
N LEU A 106 -7.49 23.45 -7.69
CA LEU A 106 -8.81 22.86 -7.74
C LEU A 106 -9.83 23.98 -7.67
N PRO A 107 -10.92 23.86 -8.43
CA PRO A 107 -11.91 24.93 -8.37
C PRO A 107 -12.48 24.83 -6.96
N GLU A 108 -13.20 25.85 -6.52
CA GLU A 108 -13.78 25.82 -5.20
C GLU A 108 -14.62 24.55 -5.10
N LEU A 109 -14.50 23.84 -4.00
CA LEU A 109 -15.25 22.61 -3.83
C LEU A 109 -16.57 22.85 -3.12
N PRO A 110 -17.66 22.25 -3.61
CA PRO A 110 -18.98 22.42 -3.02
C PRO A 110 -18.99 21.96 -1.56
N GLN A 111 -19.83 22.59 -0.75
CA GLN A 111 -19.94 22.23 0.65
C GLN A 111 -20.60 20.87 0.72
N SER A 112 -21.10 20.42 -0.42
CA SER A 112 -21.75 19.12 -0.51
C SER A 112 -20.76 18.03 -0.88
N LEU A 113 -19.53 18.43 -1.18
CA LEU A 113 -18.52 17.44 -1.57
C LEU A 113 -18.20 16.48 -0.45
N LYS A 114 -18.39 15.19 -0.73
CA LYS A 114 -18.10 14.15 0.24
C LYS A 114 -16.88 13.40 -0.22
N SER A 115 -16.67 13.38 -1.53
CA SER A 115 -15.54 12.66 -2.09
C SER A 115 -14.74 13.48 -3.09
N LEU A 116 -13.45 13.63 -2.82
CA LEU A 116 -12.56 14.36 -3.70
C LEU A 116 -11.46 13.41 -4.16
N LEU A 117 -11.53 13.00 -5.42
CA LEU A 117 -10.53 12.10 -5.99
C LEU A 117 -9.83 12.81 -7.11
N VAL A 118 -8.72 13.44 -6.80
CA VAL A 118 -7.95 14.17 -7.79
C VAL A 118 -6.51 13.69 -7.76
N ASP A 119 -6.37 12.37 -7.59
CA ASP A 119 -5.05 11.77 -7.57
C ASP A 119 -4.46 11.98 -8.96
N ASN A 120 -3.14 11.95 -9.03
CA ASN A 120 -2.47 12.12 -10.30
C ASN A 120 -2.80 13.45 -10.97
N ASN A 121 -2.41 14.51 -10.30
CA ASN A 121 -2.59 15.85 -10.79
C ASN A 121 -1.35 16.57 -10.35
N ASN A 122 -1.33 17.89 -10.50
CA ASN A 122 -0.17 18.67 -10.13
C ASN A 122 -0.53 19.61 -9.00
N LEU A 123 -1.44 19.17 -8.13
CA LEU A 123 -1.86 19.98 -7.02
C LEU A 123 -0.73 20.16 -6.02
N LYS A 124 -0.41 21.40 -5.71
CA LYS A 124 0.66 21.68 -4.77
C LYS A 124 0.04 22.05 -3.44
N ALA A 125 -1.25 22.36 -3.47
CA ALA A 125 -1.97 22.74 -2.26
C ALA A 125 -3.44 22.43 -2.40
N LEU A 126 -4.12 22.35 -1.27
CA LEU A 126 -5.54 22.08 -1.24
C LEU A 126 -6.14 23.16 -0.35
N SER A 127 -7.30 23.67 -0.75
CA SER A 127 -7.95 24.66 0.07
C SER A 127 -8.53 23.86 1.21
N ASP A 128 -8.94 24.52 2.28
CA ASP A 128 -9.51 23.80 3.40
C ASP A 128 -10.58 22.89 2.84
N LEU A 129 -10.60 21.66 3.34
CA LEU A 129 -11.53 20.66 2.87
C LEU A 129 -12.99 20.99 3.04
N PRO A 130 -13.82 20.51 2.12
CA PRO A 130 -15.27 20.74 2.19
C PRO A 130 -15.65 20.08 3.51
N PRO A 131 -16.52 20.73 4.29
CA PRO A 131 -16.94 20.17 5.59
C PRO A 131 -17.41 18.71 5.58
N LEU A 132 -18.02 18.29 4.48
CA LEU A 132 -18.53 16.93 4.40
C LEU A 132 -17.57 15.93 3.75
N LEU A 133 -16.35 16.36 3.47
CA LEU A 133 -15.41 15.46 2.82
C LEU A 133 -15.23 14.15 3.59
N GLU A 134 -15.54 13.06 2.91
CA GLU A 134 -15.41 11.72 3.47
C GLU A 134 -14.18 11.05 2.87
N TYR A 135 -13.93 11.34 1.61
CA TYR A 135 -12.81 10.76 0.90
C TYR A 135 -11.94 11.84 0.30
N LEU A 136 -10.68 11.87 0.71
CA LEU A 136 -9.73 12.83 0.20
C LEU A 136 -8.68 12.06 -0.59
N GLY A 137 -8.92 11.93 -1.88
CA GLY A 137 -7.99 11.22 -2.75
C GLY A 137 -7.16 12.22 -3.53
N VAL A 138 -5.96 12.50 -3.03
CA VAL A 138 -5.07 13.45 -3.69
C VAL A 138 -3.68 12.85 -3.87
N SER A 139 -3.64 11.53 -4.03
CA SER A 139 -2.37 10.88 -4.21
C SER A 139 -1.78 11.32 -5.53
N ASN A 140 -0.47 11.15 -5.67
CA ASN A 140 0.21 11.51 -6.89
C ASN A 140 -0.05 12.95 -7.30
N ASN A 141 0.32 13.85 -6.41
CA ASN A 141 0.19 15.26 -6.68
C ASN A 141 1.47 15.87 -6.18
N GLN A 142 1.47 17.17 -5.97
CA GLN A 142 2.68 17.83 -5.51
C GLN A 142 2.35 18.58 -4.24
N LEU A 143 1.42 18.02 -3.47
CA LEU A 143 1.02 18.65 -2.23
C LEU A 143 2.23 18.81 -1.33
N GLU A 144 2.51 20.05 -0.96
CA GLU A 144 3.65 20.36 -0.10
C GLU A 144 3.15 20.26 1.32
N LYS A 145 1.86 20.52 1.47
CA LYS A 145 1.23 20.47 2.78
C LYS A 145 -0.25 20.21 2.55
N LEU A 146 -0.92 19.74 3.60
CA LEU A 146 -2.33 19.47 3.51
C LEU A 146 -3.06 20.48 4.36
N PRO A 147 -4.32 20.78 4.03
CA PRO A 147 -5.04 21.73 4.85
C PRO A 147 -5.36 20.99 6.14
N GLU A 148 -5.79 21.70 7.17
CA GLU A 148 -6.14 21.04 8.41
C GLU A 148 -7.09 19.90 8.09
N LEU A 149 -6.93 18.76 8.77
CA LEU A 149 -7.76 17.60 8.52
C LEU A 149 -8.54 17.15 9.75
N GLN A 150 -8.01 17.45 10.92
CA GLN A 150 -8.62 17.03 12.17
C GLN A 150 -10.06 17.48 12.37
N ASN A 151 -10.47 18.56 11.72
CA ASN A 151 -11.83 19.03 11.87
C ASN A 151 -12.76 18.53 10.78
N SER A 152 -12.29 17.56 10.01
CA SER A 152 -13.10 16.98 8.96
C SER A 152 -13.88 15.84 9.61
N SER A 153 -15.02 16.20 10.18
CA SER A 153 -15.88 15.28 10.89
C SER A 153 -16.25 14.02 10.11
N PHE A 154 -16.16 14.07 8.80
CA PHE A 154 -16.54 12.91 8.00
C PHE A 154 -15.41 12.35 7.15
N LEU A 155 -14.22 12.93 7.32
CA LEU A 155 -13.06 12.46 6.55
C LEU A 155 -12.71 11.06 7.01
N LYS A 156 -13.05 10.07 6.19
CA LYS A 156 -12.77 8.69 6.52
C LYS A 156 -11.52 8.19 5.80
N ILE A 157 -11.37 8.57 4.54
CA ILE A 157 -10.22 8.14 3.76
C ILE A 157 -9.39 9.32 3.28
N ILE A 158 -8.12 9.30 3.64
CA ILE A 158 -7.19 10.34 3.21
C ILE A 158 -6.12 9.61 2.43
N ASP A 159 -6.04 9.90 1.14
CA ASP A 159 -5.02 9.30 0.31
C ASP A 159 -4.20 10.45 -0.23
N VAL A 160 -3.08 10.71 0.42
CA VAL A 160 -2.18 11.78 -0.01
C VAL A 160 -0.87 11.13 -0.41
N ASP A 161 -0.97 9.85 -0.75
CA ASP A 161 0.20 9.09 -1.16
C ASP A 161 0.86 9.78 -2.34
N ASN A 162 2.17 9.67 -2.41
CA ASN A 162 2.94 10.24 -3.49
C ASN A 162 2.71 11.73 -3.67
N ASN A 163 3.19 12.49 -2.70
CA ASN A 163 3.09 13.93 -2.74
C ASN A 163 4.40 14.43 -2.17
N SER A 164 4.43 15.69 -1.76
CA SER A 164 5.65 16.23 -1.20
C SER A 164 5.38 16.69 0.21
N LEU A 165 4.57 15.92 0.92
CA LEU A 165 4.21 16.26 2.29
C LEU A 165 5.38 15.99 3.23
N LYS A 166 5.76 17.03 3.96
CA LYS A 166 6.85 16.92 4.93
C LYS A 166 6.20 16.55 6.24
N LYS A 167 4.93 16.91 6.37
CA LYS A 167 4.16 16.62 7.57
C LYS A 167 2.69 16.45 7.23
N LEU A 168 2.00 15.69 8.07
CA LEU A 168 0.58 15.48 7.89
C LEU A 168 -0.09 16.24 9.01
N PRO A 169 -1.16 16.98 8.71
CA PRO A 169 -1.83 17.71 9.78
C PRO A 169 -2.40 16.65 10.71
N ASP A 170 -2.78 17.02 11.93
CA ASP A 170 -3.35 16.03 12.83
C ASP A 170 -4.55 15.44 12.13
N LEU A 171 -4.79 14.16 12.36
CA LEU A 171 -5.88 13.48 11.69
C LEU A 171 -7.22 13.58 12.40
N PRO A 172 -8.30 13.56 11.61
CA PRO A 172 -9.67 13.64 12.15
C PRO A 172 -10.04 12.32 12.78
N PRO A 173 -10.76 12.35 13.91
CA PRO A 173 -11.19 11.14 14.60
C PRO A 173 -11.96 10.21 13.67
N SER A 174 -12.50 10.77 12.59
CA SER A 174 -13.27 9.99 11.64
C SER A 174 -12.37 9.20 10.71
N LEU A 175 -11.08 9.53 10.70
CA LEU A 175 -10.14 8.86 9.82
C LEU A 175 -10.14 7.35 9.97
N GLU A 176 -10.43 6.65 8.89
CA GLU A 176 -10.45 5.21 8.91
C GLU A 176 -9.29 4.71 8.09
N PHE A 177 -8.89 5.53 7.13
CA PHE A 177 -7.82 5.15 6.23
C PHE A 177 -7.01 6.33 5.78
N ILE A 178 -5.70 6.21 5.96
CA ILE A 178 -4.82 7.26 5.48
C ILE A 178 -3.63 6.64 4.79
N ALA A 179 -3.45 7.03 3.54
CA ALA A 179 -2.32 6.58 2.74
C ALA A 179 -1.55 7.87 2.57
N ALA A 180 -0.38 7.94 3.16
CA ALA A 180 0.47 9.11 3.06
C ALA A 180 1.86 8.62 2.67
N GLY A 181 1.87 7.47 2.02
CA GLY A 181 3.13 6.89 1.60
C GLY A 181 3.75 7.72 0.50
N ASN A 182 5.04 7.51 0.30
CA ASN A 182 5.80 8.21 -0.73
C ASN A 182 5.65 9.71 -0.61
N ASN A 183 6.00 10.20 0.56
CA ASN A 183 5.98 11.62 0.82
C ASN A 183 7.32 11.88 1.48
N GLN A 184 7.43 12.95 2.24
CA GLN A 184 8.69 13.26 2.89
C GLN A 184 8.41 13.42 4.37
N LEU A 185 7.46 12.64 4.84
CA LEU A 185 7.09 12.68 6.23
C LEU A 185 8.22 12.18 7.09
N GLU A 186 8.58 12.98 8.10
CA GLU A 186 9.62 12.59 9.01
C GLU A 186 8.93 12.08 10.26
N GLU A 187 7.64 12.40 10.35
CA GLU A 187 6.82 11.97 11.46
C GLU A 187 5.38 11.87 10.98
N LEU A 188 4.61 11.06 11.67
CA LEU A 188 3.20 10.92 11.36
C LEU A 188 2.53 11.60 12.53
N PRO A 189 1.33 12.16 12.31
CA PRO A 189 0.70 12.81 13.45
C PRO A 189 0.31 11.70 14.43
N GLU A 190 -0.13 12.07 15.62
CA GLU A 190 -0.54 11.10 16.61
C GLU A 190 -1.63 10.26 15.96
N LEU A 191 -1.60 8.96 16.20
CA LEU A 191 -2.59 8.08 15.60
C LEU A 191 -3.37 7.26 16.61
N GLN A 192 -2.73 6.96 17.74
CA GLN A 192 -3.34 6.14 18.77
C GLN A 192 -4.74 6.57 19.20
N ASN A 193 -5.08 7.84 19.00
CA ASN A 193 -6.39 8.33 19.39
C ASN A 193 -7.41 8.33 18.26
N LEU A 194 -7.03 7.75 17.13
CA LEU A 194 -7.95 7.66 16.00
C LEU A 194 -8.72 6.38 16.22
N PRO A 195 -9.97 6.49 16.70
CA PRO A 195 -10.85 5.36 16.97
C PRO A 195 -11.21 4.48 15.79
N PHE A 196 -11.16 5.03 14.59
CA PHE A 196 -11.56 4.25 13.43
C PHE A 196 -10.46 4.04 12.40
N LEU A 197 -9.25 4.48 12.71
CA LEU A 197 -8.15 4.31 11.77
C LEU A 197 -7.81 2.83 11.68
N THR A 198 -8.09 2.24 10.54
CA THR A 198 -7.83 0.83 10.37
C THR A 198 -6.66 0.57 9.43
N ALA A 199 -6.36 1.53 8.58
CA ALA A 199 -5.26 1.36 7.64
C ALA A 199 -4.40 2.58 7.51
N ILE A 200 -3.10 2.38 7.65
CA ILE A 200 -2.15 3.46 7.53
C ILE A 200 -1.10 3.05 6.52
N TYR A 201 -0.94 3.89 5.50
CA TYR A 201 0.07 3.67 4.50
C TYR A 201 0.93 4.89 4.68
N ALA A 202 2.16 4.67 5.13
CA ALA A 202 3.08 5.75 5.35
C ALA A 202 4.44 5.28 4.88
N ASP A 203 4.43 4.29 4.01
CA ASP A 203 5.66 3.75 3.47
C ASP A 203 6.32 4.85 2.65
N ASN A 204 7.58 4.64 2.32
CA ASN A 204 8.30 5.60 1.51
C ASN A 204 8.21 7.02 2.02
N ASN A 205 8.61 7.19 3.26
CA ASN A 205 8.64 8.49 3.89
C ASN A 205 9.96 8.44 4.62
N SER A 206 10.18 9.35 5.54
CA SER A 206 11.42 9.32 6.29
C SER A 206 11.08 9.20 7.75
N LEU A 207 10.10 8.35 8.03
CA LEU A 207 9.68 8.13 9.40
C LEU A 207 10.79 7.36 10.11
N LYS A 208 11.21 7.88 11.25
CA LYS A 208 12.23 7.21 12.04
C LYS A 208 11.45 6.37 13.03
N LYS A 209 10.26 6.84 13.37
CA LYS A 209 9.40 6.13 14.29
C LYS A 209 7.97 6.28 13.84
N LEU A 210 7.13 5.36 14.27
CA LEU A 210 5.73 5.43 13.95
C LEU A 210 5.09 5.82 15.25
N PRO A 211 4.06 6.67 15.19
CA PRO A 211 3.41 7.06 16.44
C PRO A 211 2.79 5.78 17.00
N ASP A 212 2.38 5.79 18.26
CA ASP A 212 1.75 4.59 18.79
C ASP A 212 0.56 4.39 17.89
N LEU A 213 0.25 3.13 17.58
CA LEU A 213 -0.83 2.84 16.68
C LEU A 213 -2.18 2.73 17.37
N PRO A 214 -3.25 3.13 16.65
CA PRO A 214 -4.60 3.07 17.20
C PRO A 214 -5.06 1.63 17.31
N LEU A 215 -5.80 1.36 18.38
CA LEU A 215 -6.33 0.03 18.63
C LEU A 215 -7.09 -0.49 17.41
N SER A 216 -7.67 0.43 16.66
CA SER A 216 -8.45 0.06 15.49
C SER A 216 -7.62 -0.36 14.29
N LEU A 217 -6.33 -0.01 14.30
CA LEU A 217 -5.48 -0.32 13.15
C LEU A 217 -5.52 -1.78 12.73
N GLU A 218 -5.81 -2.01 11.46
CA GLU A 218 -5.85 -3.36 10.94
C GLU A 218 -4.67 -3.55 10.03
N SER A 219 -4.17 -2.44 9.52
CA SER A 219 -3.07 -2.50 8.59
C SER A 219 -2.19 -1.28 8.64
N ILE A 220 -0.88 -1.52 8.60
CA ILE A 220 0.06 -0.44 8.57
C ILE A 220 1.15 -0.83 7.59
N VAL A 221 1.30 0.02 6.58
CA VAL A 221 2.28 -0.16 5.54
C VAL A 221 3.20 1.04 5.74
N ALA A 222 4.40 0.77 6.20
CA ALA A 222 5.34 1.84 6.48
C ALA A 222 6.72 1.40 6.04
N GLY A 223 6.75 0.61 4.99
CA GLY A 223 8.02 0.15 4.47
C GLY A 223 8.74 1.34 3.87
N ASN A 224 10.04 1.18 3.67
CA ASN A 224 10.83 2.23 3.08
C ASN A 224 10.79 3.55 3.78
N ASN A 225 10.93 3.47 5.09
CA ASN A 225 11.01 4.64 5.91
C ASN A 225 12.36 4.44 6.54
N ILE A 226 12.59 5.04 7.69
CA ILE A 226 13.86 4.83 8.36
C ILE A 226 13.51 4.51 9.78
N LEU A 227 12.53 3.62 9.92
CA LEU A 227 12.07 3.18 11.21
C LEU A 227 13.14 2.37 11.90
N GLU A 228 13.59 2.87 13.04
CA GLU A 228 14.61 2.23 13.86
C GLU A 228 13.92 1.07 14.55
N GLU A 229 12.63 1.25 14.79
CA GLU A 229 11.84 0.26 15.46
C GLU A 229 10.39 0.52 15.16
N LEU A 230 9.57 -0.49 15.44
CA LEU A 230 8.14 -0.38 15.23
C LEU A 230 7.57 -0.03 16.59
N PRO A 231 6.43 0.66 16.63
CA PRO A 231 5.89 0.98 17.96
C PRO A 231 5.35 -0.32 18.54
N GLU A 232 4.84 -0.26 19.76
CA GLU A 232 4.30 -1.46 20.35
C GLU A 232 3.17 -1.94 19.46
N LEU A 233 3.15 -3.23 19.17
CA LEU A 233 2.16 -3.80 18.28
C LEU A 233 1.27 -4.85 18.93
N GLN A 234 1.77 -5.47 19.99
CA GLN A 234 1.05 -6.54 20.64
C GLN A 234 -0.33 -6.18 21.16
N ASN A 235 -0.56 -4.90 21.41
CA ASN A 235 -1.85 -4.47 21.92
C ASN A 235 -2.75 -4.00 20.81
N LEU A 236 -2.43 -4.42 19.59
CA LEU A 236 -3.22 -4.05 18.43
C LEU A 236 -3.86 -5.36 17.96
N PRO A 237 -5.00 -5.71 18.58
CA PRO A 237 -5.73 -6.94 18.26
C PRO A 237 -6.28 -7.01 16.85
N PHE A 238 -6.42 -5.87 16.20
CA PHE A 238 -6.97 -5.86 14.85
C PHE A 238 -5.91 -5.64 13.79
N LEU A 239 -4.69 -5.38 14.23
CA LEU A 239 -3.61 -5.16 13.26
C LEU A 239 -3.27 -6.50 12.65
N THR A 240 -3.65 -6.68 11.38
CA THR A 240 -3.40 -7.94 10.72
C THR A 240 -2.34 -7.81 9.65
N THR A 241 -2.05 -6.57 9.26
CA THR A 241 -1.04 -6.36 8.25
C THR A 241 -0.01 -5.34 8.66
N ILE A 242 1.24 -5.76 8.61
CA ILE A 242 2.32 -4.87 8.94
C ILE A 242 3.35 -4.98 7.85
N TYR A 243 3.61 -3.85 7.20
CA TYR A 243 4.63 -3.77 6.18
C TYR A 243 5.57 -2.77 6.77
N ALA A 244 6.77 -3.23 7.11
CA ALA A 244 7.78 -2.36 7.69
C ALA A 244 9.08 -2.73 6.99
N ASP A 245 8.92 -3.18 5.75
CA ASP A 245 10.04 -3.56 4.93
C ASP A 245 10.89 -2.33 4.71
N ASN A 246 12.13 -2.54 4.31
CA ASN A 246 13.01 -1.45 3.99
C ASN A 246 13.07 -0.35 5.02
N ASN A 247 13.31 -0.77 6.26
CA ASN A 247 13.44 0.19 7.32
C ASN A 247 14.75 -0.11 8.00
N LEU A 248 14.88 0.29 9.25
CA LEU A 248 16.10 0.06 9.99
C LEU A 248 15.79 -0.78 11.20
N LEU A 249 14.90 -1.74 11.02
CA LEU A 249 14.50 -2.61 12.11
C LEU A 249 15.55 -3.65 12.40
N LYS A 250 15.88 -3.79 13.69
CA LYS A 250 16.87 -4.78 14.12
C LYS A 250 16.07 -5.88 14.82
N THR A 251 14.89 -5.50 15.28
CA THR A 251 13.99 -6.43 15.94
C THR A 251 12.59 -5.94 15.73
N LEU A 252 11.65 -6.82 15.97
CA LEU A 252 10.26 -6.48 15.83
C LEU A 252 9.71 -6.56 17.23
N PRO A 253 8.73 -5.71 17.55
CA PRO A 253 8.15 -5.75 18.89
C PRO A 253 7.32 -7.00 18.90
N ASP A 254 6.70 -7.30 20.03
CA ASP A 254 5.82 -8.43 20.09
C ASP A 254 4.79 -8.04 19.04
N LEU A 255 4.47 -8.99 18.17
CA LEU A 255 3.57 -8.72 17.09
C LEU A 255 2.09 -8.63 17.44
N PRO A 256 1.29 -8.03 16.55
CA PRO A 256 -0.13 -7.94 16.84
C PRO A 256 -0.55 -9.40 16.96
N PRO A 257 -1.26 -9.76 18.03
CA PRO A 257 -1.67 -11.15 18.21
C PRO A 257 -2.39 -11.79 17.04
N SER A 258 -3.07 -10.99 16.23
CA SER A 258 -3.78 -11.55 15.10
C SER A 258 -3.14 -11.15 13.78
N LEU A 259 -1.87 -10.81 13.84
CA LEU A 259 -1.16 -10.41 12.64
C LEU A 259 -1.30 -11.51 11.60
N GLU A 260 -1.62 -11.12 10.38
CA GLU A 260 -1.77 -12.08 9.29
C GLU A 260 -0.69 -11.91 8.26
N ALA A 261 -0.31 -10.67 8.02
CA ALA A 261 0.70 -10.38 7.03
C ALA A 261 1.78 -9.53 7.63
N LEU A 262 2.99 -10.03 7.55
CA LEU A 262 4.12 -9.31 8.07
C LEU A 262 5.18 -9.23 7.00
N ASN A 263 5.43 -8.03 6.52
CA ASN A 263 6.46 -7.85 5.54
C ASN A 263 7.46 -6.93 6.18
N VAL A 264 8.63 -7.47 6.50
CA VAL A 264 9.67 -6.68 7.09
C VAL A 264 10.88 -6.91 6.23
N ARG A 265 10.60 -7.11 4.96
CA ARG A 265 11.63 -7.34 3.97
C ARG A 265 12.66 -6.25 4.09
N ASP A 266 13.91 -6.65 3.96
CA ASP A 266 15.02 -5.73 4.02
C ASP A 266 15.04 -4.90 5.27
N ASN A 267 15.45 -5.55 6.35
CA ASN A 267 15.61 -4.90 7.62
C ASN A 267 16.79 -5.62 8.19
N TYR A 268 17.04 -5.47 9.47
CA TYR A 268 18.21 -6.09 10.03
C TYR A 268 17.79 -7.13 11.02
N LEU A 269 16.77 -7.90 10.67
CA LEU A 269 16.25 -8.90 11.56
C LEU A 269 17.03 -10.20 11.53
N THR A 270 17.38 -10.67 12.71
CA THR A 270 18.10 -11.92 12.84
C THR A 270 17.10 -12.88 13.47
N ASP A 271 16.09 -12.31 14.11
CA ASP A 271 15.09 -13.10 14.77
C ASP A 271 13.75 -12.43 14.63
N LEU A 272 12.72 -13.20 14.92
CA LEU A 272 11.37 -12.72 14.86
C LEU A 272 10.77 -13.03 16.20
N PRO A 273 9.86 -12.17 16.68
CA PRO A 273 9.27 -12.49 17.97
C PRO A 273 8.35 -13.66 17.68
N GLU A 274 7.71 -14.21 18.71
CA GLU A 274 6.79 -15.30 18.45
C GLU A 274 5.86 -14.83 17.36
N LEU A 275 5.63 -15.68 16.38
CA LEU A 275 4.77 -15.30 15.29
C LEU A 275 3.31 -15.66 15.53
N PRO A 276 2.41 -14.68 15.38
CA PRO A 276 1.00 -14.98 15.59
C PRO A 276 0.64 -16.13 14.66
N GLN A 277 -0.16 -17.06 15.15
CA GLN A 277 -0.56 -18.19 14.33
C GLN A 277 -1.47 -17.74 13.22
N SER A 278 -1.92 -16.50 13.32
CA SER A 278 -2.80 -15.94 12.31
C SER A 278 -1.95 -15.52 11.11
N LEU A 279 -0.63 -15.53 11.29
CA LEU A 279 0.27 -15.11 10.23
C LEU A 279 0.23 -16.07 9.04
N THR A 280 -0.23 -15.56 7.92
CA THR A 280 -0.33 -16.36 6.70
C THR A 280 0.64 -15.83 5.66
N PHE A 281 1.06 -14.59 5.84
CA PHE A 281 1.98 -13.96 4.91
C PHE A 281 3.16 -13.42 5.67
N LEU A 282 4.33 -13.96 5.38
CA LEU A 282 5.52 -13.52 6.06
C LEU A 282 6.65 -13.23 5.08
N ASP A 283 7.09 -11.99 5.05
CA ASP A 283 8.18 -11.66 4.18
C ASP A 283 9.27 -11.12 5.07
N VAL A 284 10.30 -11.93 5.27
CA VAL A 284 11.43 -11.54 6.08
C VAL A 284 12.65 -11.59 5.18
N SER A 285 12.40 -11.48 3.88
CA SER A 285 13.47 -11.51 2.92
C SER A 285 14.38 -10.34 3.19
N GLU A 286 15.63 -10.48 2.76
CA GLU A 286 16.61 -9.43 2.94
C GLU A 286 16.77 -8.96 4.36
N ASN A 287 16.84 -9.91 5.27
CA ASN A 287 17.10 -9.56 6.63
C ASN A 287 18.36 -10.33 6.90
N ILE A 288 18.65 -10.63 8.15
CA ILE A 288 19.88 -11.33 8.40
C ILE A 288 19.63 -12.60 9.16
N PHE A 289 18.59 -13.30 8.75
CA PHE A 289 18.23 -14.55 9.37
C PHE A 289 19.24 -15.59 8.91
N SER A 290 19.79 -16.33 9.86
CA SER A 290 20.75 -17.37 9.53
C SER A 290 19.91 -18.64 9.42
N GLY A 291 18.64 -18.49 9.76
CA GLY A 291 17.71 -19.61 9.69
C GLY A 291 16.35 -19.17 10.17
N LEU A 292 15.38 -20.05 10.04
CA LEU A 292 14.04 -19.79 10.51
C LEU A 292 13.74 -20.99 11.38
N SER A 293 13.72 -20.76 12.68
CA SER A 293 13.48 -21.83 13.64
C SER A 293 12.03 -22.23 13.69
N GLU A 294 11.15 -21.27 13.44
CA GLU A 294 9.72 -21.52 13.46
C GLU A 294 8.97 -20.75 12.40
N LEU A 295 7.85 -21.33 12.00
CA LEU A 295 7.01 -20.68 11.02
C LEU A 295 5.59 -20.85 11.52
N PRO A 296 4.77 -19.82 11.37
CA PRO A 296 3.38 -19.88 11.82
C PRO A 296 2.76 -21.14 11.18
N PRO A 297 1.90 -21.85 11.93
CA PRO A 297 1.26 -23.06 11.45
C PRO A 297 0.32 -22.90 10.26
N ASN A 298 -0.13 -21.67 10.04
CA ASN A 298 -1.06 -21.38 8.94
C ASN A 298 -0.43 -20.48 7.90
N LEU A 299 0.88 -20.40 7.89
CA LEU A 299 1.57 -19.55 6.93
C LEU A 299 1.30 -20.04 5.52
N TYR A 300 0.86 -19.15 4.64
CA TYR A 300 0.61 -19.52 3.26
C TYR A 300 1.82 -19.09 2.45
N TYR A 301 2.34 -17.93 2.82
CA TYR A 301 3.45 -17.35 2.09
C TYR A 301 4.63 -17.00 2.96
N LEU A 302 5.78 -17.50 2.56
CA LEU A 302 6.98 -17.19 3.27
C LEU A 302 8.00 -16.75 2.25
N ASN A 303 8.45 -15.52 2.41
CA ASN A 303 9.49 -15.02 1.56
C ASN A 303 10.60 -14.73 2.54
N ALA A 304 11.62 -15.57 2.52
CA ALA A 304 12.76 -15.42 3.41
C ALA A 304 13.99 -15.36 2.52
N SER A 305 13.77 -14.97 1.27
CA SER A 305 14.86 -14.88 0.31
C SER A 305 15.88 -13.84 0.75
N SER A 306 17.10 -14.04 0.28
CA SER A 306 18.17 -13.10 0.55
C SER A 306 18.44 -12.82 2.02
N ASN A 307 18.47 -13.90 2.79
CA ASN A 307 18.79 -13.82 4.19
C ASN A 307 20.05 -14.62 4.19
N GLU A 308 20.38 -15.24 5.30
CA GLU A 308 21.56 -16.06 5.34
C GLU A 308 21.06 -17.38 5.89
N ILE A 309 19.84 -17.73 5.48
CA ILE A 309 19.20 -18.95 5.95
C ILE A 309 20.02 -20.17 5.58
N ARG A 310 20.52 -20.85 6.59
CA ARG A 310 21.31 -22.05 6.38
C ARG A 310 20.39 -23.24 6.50
N SER A 311 19.28 -23.05 7.19
CA SER A 311 18.34 -24.13 7.37
C SER A 311 16.97 -23.57 7.63
N LEU A 312 15.98 -24.30 7.17
CA LEU A 312 14.61 -23.93 7.35
C LEU A 312 14.00 -24.93 8.29
N CYS A 313 13.21 -24.44 9.22
CA CYS A 313 12.52 -25.32 10.16
C CYS A 313 11.50 -26.00 9.26
N ASP A 314 10.77 -26.96 9.83
CA ASP A 314 9.76 -27.64 9.05
C ASP A 314 8.80 -26.58 8.55
N LEU A 315 8.25 -26.80 7.37
CA LEU A 315 7.33 -25.86 6.80
C LEU A 315 5.90 -26.23 7.18
N PRO A 316 5.09 -25.23 7.52
CA PRO A 316 3.71 -25.53 7.89
C PRO A 316 3.01 -26.12 6.67
N PRO A 317 2.20 -27.16 6.86
CA PRO A 317 1.50 -27.78 5.73
C PRO A 317 0.61 -26.80 4.97
N SER A 318 0.37 -25.64 5.56
CA SER A 318 -0.45 -24.62 4.94
C SER A 318 0.33 -23.82 3.90
N LEU A 319 1.65 -23.91 3.99
CA LEU A 319 2.52 -23.17 3.10
C LEU A 319 2.26 -23.41 1.63
N GLU A 320 1.93 -22.34 0.93
CA GLU A 320 1.68 -22.44 -0.49
C GLU A 320 2.82 -21.84 -1.26
N GLU A 321 3.43 -20.81 -0.72
CA GLU A 321 4.55 -20.22 -1.40
C GLU A 321 5.72 -20.09 -0.47
N LEU A 322 6.82 -20.68 -0.89
CA LEU A 322 8.03 -20.62 -0.13
C LEU A 322 9.09 -20.00 -1.00
N ASN A 323 9.55 -18.83 -0.59
CA ASN A 323 10.61 -18.19 -1.32
C ASN A 323 11.75 -18.05 -0.35
N VAL A 324 12.77 -18.88 -0.54
CA VAL A 324 13.95 -18.83 0.31
C VAL A 324 15.10 -18.66 -0.66
N SER A 325 14.77 -18.03 -1.77
CA SER A 325 15.75 -17.77 -2.80
C SER A 325 16.90 -16.99 -2.19
N ASN A 326 18.08 -17.23 -2.74
CA ASN A 326 19.26 -16.53 -2.30
C ASN A 326 19.50 -16.62 -0.81
N ASN A 327 19.72 -17.83 -0.35
CA ASN A 327 20.02 -18.05 1.04
C ASN A 327 21.21 -18.97 1.03
N LYS A 328 21.43 -19.68 2.12
CA LYS A 328 22.57 -20.57 2.17
C LYS A 328 22.10 -21.96 2.52
N LEU A 329 20.95 -22.29 1.97
CA LEU A 329 20.34 -23.59 2.18
C LEU A 329 21.04 -24.64 1.36
N ILE A 330 21.47 -25.71 2.01
CA ILE A 330 22.10 -26.79 1.28
C ILE A 330 21.00 -27.86 1.19
N GLU A 331 19.92 -27.60 1.90
CA GLU A 331 18.80 -28.53 1.90
C GLU A 331 17.52 -27.84 2.31
N LEU A 332 16.43 -28.20 1.64
CA LEU A 332 15.13 -27.66 1.96
C LEU A 332 14.43 -28.69 2.80
N PRO A 333 13.57 -28.26 3.73
CA PRO A 333 12.88 -29.26 4.53
C PRO A 333 11.83 -29.90 3.64
N ALA A 334 11.15 -30.92 4.15
CA ALA A 334 10.11 -31.58 3.38
C ALA A 334 9.18 -30.47 2.93
N LEU A 335 8.77 -30.52 1.68
CA LEU A 335 7.88 -29.49 1.16
C LEU A 335 6.44 -29.82 1.50
N PRO A 336 5.72 -28.86 2.08
CA PRO A 336 4.33 -29.12 2.42
C PRO A 336 3.55 -29.46 1.15
N PRO A 337 2.71 -30.50 1.21
CA PRO A 337 1.94 -30.87 0.01
C PRO A 337 1.08 -29.74 -0.55
N ARG A 338 0.83 -28.72 0.25
CA ARG A 338 0.03 -27.61 -0.24
C ARG A 338 0.90 -26.62 -1.00
N LEU A 339 2.22 -26.75 -0.87
CA LEU A 339 3.15 -25.84 -1.54
C LEU A 339 2.87 -25.72 -3.03
N GLU A 340 2.57 -24.52 -3.47
CA GLU A 340 2.31 -24.28 -4.87
C GLU A 340 3.46 -23.56 -5.53
N ARG A 341 4.15 -22.74 -4.76
CA ARG A 341 5.27 -21.99 -5.30
C ARG A 341 6.50 -22.22 -4.46
N LEU A 342 7.53 -22.77 -5.09
CA LEU A 342 8.77 -22.99 -4.41
C LEU A 342 9.85 -22.20 -5.13
N ILE A 343 10.34 -21.17 -4.46
CA ILE A 343 11.42 -20.38 -5.02
C ILE A 343 12.55 -20.60 -4.04
N ALA A 344 13.52 -21.41 -4.45
CA ALA A 344 14.66 -21.73 -3.60
C ALA A 344 15.92 -21.57 -4.43
N SER A 345 15.81 -20.73 -5.46
CA SER A 345 16.93 -20.45 -6.33
C SER A 345 18.02 -19.76 -5.53
N PHE A 346 19.23 -19.78 -6.07
CA PHE A 346 20.37 -19.14 -5.42
C PHE A 346 20.58 -19.63 -4.01
N ASN A 347 20.69 -20.93 -3.90
CA ASN A 347 20.95 -21.55 -2.62
C ASN A 347 21.98 -22.59 -2.90
N HIS A 348 22.28 -23.41 -1.91
CA HIS A 348 23.28 -24.44 -2.09
C HIS A 348 22.61 -25.81 -2.05
N LEU A 349 21.48 -25.92 -2.71
CA LEU A 349 20.74 -27.17 -2.74
C LEU A 349 21.37 -28.18 -3.68
N ALA A 350 21.64 -29.36 -3.16
CA ALA A 350 22.19 -30.45 -3.95
C ALA A 350 20.96 -31.14 -4.51
N GLU A 351 19.88 -31.06 -3.75
CA GLU A 351 18.61 -31.67 -4.13
C GLU A 351 17.43 -30.82 -3.70
N VAL A 352 16.37 -30.88 -4.49
CA VAL A 352 15.15 -30.19 -4.15
C VAL A 352 14.34 -31.33 -3.55
N PRO A 353 13.74 -31.13 -2.37
CA PRO A 353 12.96 -32.22 -1.78
C PRO A 353 11.87 -32.65 -2.75
N GLU A 354 11.26 -33.79 -2.49
CA GLU A 354 10.19 -34.28 -3.34
C GLU A 354 9.17 -33.16 -3.45
N LEU A 355 8.80 -32.83 -4.68
CA LEU A 355 7.87 -31.74 -4.91
C LEU A 355 6.43 -32.15 -4.66
N PRO A 356 5.67 -31.28 -3.98
CA PRO A 356 4.26 -31.59 -3.71
C PRO A 356 3.53 -31.64 -5.04
N GLN A 357 2.52 -32.50 -5.14
CA GLN A 357 1.77 -32.68 -6.38
C GLN A 357 0.95 -31.51 -6.90
N ASN A 358 0.79 -30.46 -6.10
CA ASN A 358 0.04 -29.29 -6.54
C ASN A 358 0.99 -28.12 -6.77
N LEU A 359 2.29 -28.40 -6.76
CA LEU A 359 3.27 -27.35 -6.97
C LEU A 359 3.06 -26.75 -8.34
N LYS A 360 2.86 -25.44 -8.38
CA LYS A 360 2.63 -24.74 -9.63
C LYS A 360 3.91 -24.10 -10.11
N GLN A 361 4.71 -23.67 -9.16
CA GLN A 361 5.93 -22.98 -9.51
C GLN A 361 7.14 -23.51 -8.78
N LEU A 362 8.17 -23.80 -9.56
CA LEU A 362 9.42 -24.29 -9.01
C LEU A 362 10.53 -23.47 -9.60
N HIS A 363 11.09 -22.57 -8.80
CA HIS A 363 12.23 -21.77 -9.24
C HIS A 363 13.34 -22.14 -8.30
N VAL A 364 14.19 -23.06 -8.75
CA VAL A 364 15.31 -23.52 -7.94
C VAL A 364 16.57 -23.30 -8.74
N GLU A 365 16.49 -22.31 -9.61
CA GLU A 365 17.58 -21.88 -10.46
C GLU A 365 18.82 -21.59 -9.60
N TYR A 366 19.99 -21.92 -10.13
CA TYR A 366 21.23 -21.65 -9.43
C TYR A 366 21.35 -22.29 -8.07
N ASN A 367 21.39 -23.60 -8.10
CA ASN A 367 21.56 -24.42 -6.93
C ASN A 367 22.44 -25.53 -7.47
N PRO A 368 23.42 -25.99 -6.68
CA PRO A 368 24.30 -27.05 -7.16
C PRO A 368 23.52 -28.36 -7.13
N LEU A 369 22.38 -28.36 -7.80
CA LEU A 369 21.52 -29.53 -7.87
C LEU A 369 22.22 -30.67 -8.58
N ARG A 370 22.35 -31.79 -7.89
CA ARG A 370 22.99 -32.97 -8.49
C ARG A 370 22.07 -33.48 -9.59
N GLU A 371 20.79 -33.12 -9.48
CA GLU A 371 19.78 -33.52 -10.44
C GLU A 371 18.51 -32.73 -10.17
N PHE A 372 17.68 -32.56 -11.19
CA PHE A 372 16.44 -31.84 -11.01
C PHE A 372 15.48 -32.80 -10.34
N PRO A 373 14.62 -32.28 -9.45
CA PRO A 373 13.68 -33.19 -8.79
C PRO A 373 12.60 -33.58 -9.79
N ASP A 374 11.88 -34.66 -9.51
CA ASP A 374 10.81 -35.05 -10.41
C ASP A 374 9.85 -33.87 -10.38
N ILE A 375 9.43 -33.42 -11.56
CA ILE A 375 8.52 -32.28 -11.63
C ILE A 375 7.08 -32.72 -11.68
N PRO A 376 6.30 -32.39 -10.65
CA PRO A 376 4.89 -32.78 -10.64
C PRO A 376 4.23 -32.20 -11.88
N GLU A 377 3.24 -32.90 -12.41
CA GLU A 377 2.55 -32.43 -13.60
C GLU A 377 1.91 -31.07 -13.33
N SER A 378 1.67 -30.79 -12.05
CA SER A 378 1.06 -29.51 -11.67
C SER A 378 1.97 -28.33 -11.94
N VAL A 379 3.27 -28.54 -11.91
CA VAL A 379 4.20 -27.45 -12.15
C VAL A 379 3.96 -26.78 -13.48
N GLU A 380 3.55 -25.51 -13.44
CA GLU A 380 3.28 -24.73 -14.63
C GLU A 380 4.47 -23.81 -14.91
N ASP A 381 5.08 -23.34 -13.83
CA ASP A 381 6.19 -22.41 -13.90
C ASP A 381 7.44 -23.05 -13.32
N LEU A 382 8.36 -23.43 -14.19
CA LEU A 382 9.57 -24.08 -13.76
C LEU A 382 10.85 -23.38 -14.22
N ARG A 383 11.79 -23.26 -13.31
CA ARG A 383 13.08 -22.66 -13.60
C ARG A 383 14.10 -23.39 -12.77
N MET A 384 15.04 -24.02 -13.45
CA MET A 384 16.09 -24.75 -12.78
C MET A 384 17.37 -24.48 -13.53
N ASN A 385 18.46 -24.32 -12.78
CA ASN A 385 19.75 -24.06 -13.38
C ASN A 385 20.81 -24.59 -12.43
N SER A 386 21.57 -25.57 -12.89
CA SER A 386 22.61 -26.17 -12.08
C SER A 386 23.92 -25.42 -12.23
#